data_1R8A
#
_entry.id   1R8A
#
_cell.length_a   86.453
_cell.length_b   78.726
_cell.length_c   77.396
_cell.angle_alpha   90.00
_cell.angle_beta   98.03
_cell.angle_gamma   90.00
#
_symmetry.space_group_name_H-M   'C 1 2 1'
#
loop_
_entity.id
_entity.type
_entity.pdbx_description
1 polymer 'tRNA nucleotidyltransferase'
2 non-polymer 'MANGANESE (II) ION'
3 non-polymer 'SODIUM ION'
4 water water
#
_entity_poly.entity_id   1
_entity_poly.type   'polypeptide(L)'
_entity_poly.pdbx_seq_one_letter_code
;MKVEEILEKALELVIPDEEEVRKGREAEEELRRRLDELGVEYVFVGSYARNTWLKGSLEIDVFLLFPEEFSKEELRERGL
EIGKAVLDSYEIRYAEHPYVHGVVKGVEVDVVPCYKLKEPKNIKSAVDRTPFHHKWLEGRIKGKENEVRLLKGFLKANGI
YGAEYKVRGFSGYLCELLIVFYGSFLETVKNARRWTRRTVIDVAKGEVRKGEEFFVVDPVDEKRNVAANLSLDNLARFVH
LCREFMEAPSLGFFKPKHPLEIEPERLRKIVEERGTAVFAVKFRKPDIVDDNLYPQLERASRKIFEFLERENFMPLRSAF
KASEEFCYLLFECQIKEISRVFRRMGPQFEDERNVKKFLSRNRAFRPFIENGRWWAFEMRKFTTPEEGVRSYASTHWHTL
GKNVGESIREYFEIISGEKLFKEPVTAELCEMMGVKD
;
_entity_poly.pdbx_strand_id   A
#
loop_
_chem_comp.id
_chem_comp.type
_chem_comp.name
_chem_comp.formula
MN non-polymer 'MANGANESE (II) ION' 'Mn 2'
NA non-polymer 'SODIUM ION' 'Na 1'
#
# COMPACT_ATOMS: atom_id res chain seq x y z
N MET A 1 23.84 18.69 -11.08
CA MET A 1 25.06 18.64 -11.94
C MET A 1 24.71 18.43 -13.42
N LYS A 2 23.66 19.12 -13.87
CA LYS A 2 23.04 18.96 -15.19
C LYS A 2 22.24 17.65 -15.27
N VAL A 3 20.98 17.77 -15.68
CA VAL A 3 20.00 16.68 -15.64
C VAL A 3 20.50 15.46 -16.42
N GLU A 4 21.07 15.73 -17.58
CA GLU A 4 21.52 14.71 -18.52
C GLU A 4 22.58 13.77 -17.92
N GLU A 5 23.38 14.31 -17.02
CA GLU A 5 24.51 13.60 -16.39
C GLU A 5 24.09 12.86 -15.12
N ILE A 6 23.08 13.41 -14.44
CA ILE A 6 22.46 12.77 -13.30
C ILE A 6 21.68 11.54 -13.74
N LEU A 7 21.00 11.65 -14.87
CA LEU A 7 20.26 10.51 -15.42
C LEU A 7 21.24 9.39 -15.80
N GLU A 8 22.37 9.74 -16.41
CA GLU A 8 23.39 8.74 -16.76
C GLU A 8 23.85 7.95 -15.53
N LYS A 9 24.08 8.65 -14.42
CA LYS A 9 24.59 8.02 -13.21
C LYS A 9 23.53 7.12 -12.57
N ALA A 10 22.26 7.51 -12.72
CA ALA A 10 21.15 6.79 -12.11
C ALA A 10 20.90 5.46 -12.83
N LEU A 11 21.28 5.44 -14.10
CA LEU A 11 21.15 4.26 -14.92
C LEU A 11 21.94 3.10 -14.33
N GLU A 12 23.02 3.40 -13.60
CA GLU A 12 23.81 2.36 -12.91
C GLU A 12 23.14 1.87 -11.61
N LEU A 13 22.39 2.74 -10.95
CA LEU A 13 21.54 2.31 -9.83
C LEU A 13 20.30 1.52 -10.28
N VAL A 14 19.97 1.61 -11.56
CA VAL A 14 18.68 1.17 -12.07
C VAL A 14 18.75 -0.12 -12.95
N ILE A 15 19.76 -0.22 -13.84
CA ILE A 15 19.92 -1.37 -14.74
C ILE A 15 20.53 -2.52 -13.97
N PRO A 16 19.89 -3.70 -13.97
CA PRO A 16 20.33 -4.82 -13.12
C PRO A 16 21.75 -5.25 -13.42
N ASP A 17 22.44 -5.86 -12.47
CA ASP A 17 23.85 -6.22 -12.66
C ASP A 17 24.02 -7.41 -13.61
N GLU A 18 25.28 -7.71 -13.91
CA GLU A 18 25.66 -8.65 -14.96
C GLU A 18 25.18 -10.06 -14.70
N GLU A 19 25.60 -10.62 -13.56
CA GLU A 19 25.20 -11.96 -13.15
C GLU A 19 23.70 -12.08 -12.90
N GLU A 20 23.00 -10.94 -12.71
CA GLU A 20 21.54 -10.95 -12.60
C GLU A 20 20.88 -11.19 -13.97
N VAL A 21 21.39 -10.53 -15.02
CA VAL A 21 20.85 -10.69 -16.37
C VAL A 21 21.03 -12.14 -16.83
N ARG A 22 22.23 -12.67 -16.63
CA ARG A 22 22.56 -14.03 -17.06
C ARG A 22 22.03 -15.09 -16.10
N LYS A 23 21.64 -14.69 -14.89
CA LYS A 23 20.91 -15.59 -13.98
C LYS A 23 19.48 -15.78 -14.50
N GLY A 24 18.93 -14.74 -15.12
CA GLY A 24 17.62 -14.79 -15.74
C GLY A 24 17.62 -15.47 -17.09
N ARG A 25 18.74 -15.38 -17.80
CA ARG A 25 18.88 -15.93 -19.15
C ARG A 25 18.79 -17.45 -19.09
N GLU A 26 19.51 -18.03 -18.13
CA GLU A 26 19.57 -19.48 -17.99
C GLU A 26 18.33 -20.05 -17.33
N ALA A 27 17.69 -19.31 -16.43
CA ALA A 27 16.39 -19.72 -15.93
C ALA A 27 15.28 -19.60 -17.02
N GLU A 28 15.53 -18.76 -18.03
CA GLU A 28 14.61 -18.61 -19.15
C GLU A 28 14.89 -19.70 -20.19
N GLU A 29 16.12 -20.20 -20.26
CA GLU A 29 16.48 -21.28 -21.21
C GLU A 29 16.10 -22.67 -20.68
N GLU A 30 16.16 -22.82 -19.36
CA GLU A 30 15.76 -24.04 -18.67
C GLU A 30 14.24 -24.22 -18.75
N LEU A 31 13.54 -23.11 -18.51
CA LEU A 31 12.09 -23.09 -18.44
C LEU A 31 11.51 -23.35 -19.83
N ARG A 32 12.05 -22.68 -20.85
CA ARG A 32 11.69 -22.98 -22.24
C ARG A 32 11.87 -24.48 -22.51
N ARG A 33 13.02 -25.03 -22.13
CA ARG A 33 13.36 -26.45 -22.38
C ARG A 33 12.38 -27.42 -21.74
N ARG A 34 11.79 -27.05 -20.60
CA ARG A 34 10.83 -27.90 -19.89
C ARG A 34 9.43 -27.89 -20.52
N LEU A 35 8.92 -26.68 -20.77
CA LEU A 35 7.64 -26.45 -21.45
C LEU A 35 7.65 -26.91 -22.91
N ASP A 36 8.79 -26.76 -23.58
CA ASP A 36 8.90 -27.12 -24.99
C ASP A 36 8.82 -28.64 -25.05
N GLU A 37 9.50 -29.29 -24.11
CA GLU A 37 9.51 -30.75 -23.99
C GLU A 37 8.11 -31.36 -23.74
N LEU A 38 7.22 -30.58 -23.15
CA LEU A 38 5.85 -31.00 -22.84
C LEU A 38 4.79 -30.62 -23.91
N GLY A 39 5.11 -29.71 -24.83
CA GLY A 39 4.19 -29.33 -25.90
C GLY A 39 3.12 -28.32 -25.52
N VAL A 40 3.39 -27.55 -24.44
CA VAL A 40 2.49 -26.51 -23.95
C VAL A 40 2.63 -25.26 -24.79
N GLU A 41 1.50 -24.60 -25.09
CA GLU A 41 1.49 -23.30 -25.74
C GLU A 41 1.66 -22.26 -24.63
N TYR A 42 2.67 -21.40 -24.73
CA TYR A 42 2.95 -20.41 -23.64
C TYR A 42 3.51 -19.09 -24.15
N VAL A 43 3.55 -18.09 -23.27
CA VAL A 43 4.16 -16.80 -23.59
C VAL A 43 4.76 -16.12 -22.36
N PHE A 44 5.98 -15.61 -22.51
CA PHE A 44 6.64 -14.87 -21.44
C PHE A 44 6.04 -13.45 -21.47
N VAL A 45 5.65 -12.96 -20.31
CA VAL A 45 5.04 -11.63 -20.19
C VAL A 45 5.76 -10.87 -19.10
N GLY A 46 5.23 -9.72 -18.73
CA GLY A 46 5.91 -8.96 -17.71
C GLY A 46 7.26 -8.40 -18.12
N SER A 47 7.89 -7.76 -17.15
CA SER A 47 8.98 -6.84 -17.44
C SER A 47 10.27 -7.57 -17.72
N TYR A 48 10.36 -8.85 -17.37
CA TYR A 48 11.53 -9.62 -17.75
C TYR A 48 11.57 -9.79 -19.27
N ALA A 49 10.41 -10.15 -19.83
CA ALA A 49 10.28 -10.34 -21.26
C ALA A 49 10.65 -9.07 -22.01
N ARG A 50 10.40 -7.92 -21.40
CA ARG A 50 10.70 -6.64 -22.05
C ARG A 50 11.96 -5.96 -21.56
N ASN A 51 12.76 -6.59 -20.72
CA ASN A 51 14.03 -5.97 -20.32
C ASN A 51 13.86 -4.57 -19.71
N THR A 52 12.72 -4.39 -19.05
CA THR A 52 12.36 -3.14 -18.37
C THR A 52 12.44 -3.27 -16.87
N TRP A 53 12.86 -4.44 -16.36
CA TRP A 53 12.74 -4.70 -14.94
C TRP A 53 13.85 -4.05 -14.11
N LEU A 54 13.52 -3.67 -12.89
CA LEU A 54 14.46 -2.96 -12.03
C LEU A 54 15.59 -3.84 -11.52
N LYS A 55 16.73 -3.22 -11.24
CA LYS A 55 17.83 -3.92 -10.59
C LYS A 55 17.30 -4.44 -9.26
N GLY A 56 17.40 -5.76 -9.09
CA GLY A 56 17.00 -6.41 -7.85
C GLY A 56 15.68 -7.15 -7.92
N SER A 57 14.84 -6.83 -8.90
CA SER A 57 13.48 -7.39 -8.95
C SER A 57 13.26 -8.36 -10.11
N LEU A 58 14.15 -9.35 -10.24
CA LEU A 58 14.08 -10.35 -11.30
C LEU A 58 12.92 -11.32 -11.06
N GLU A 59 11.99 -11.37 -12.00
CA GLU A 59 10.75 -12.16 -11.91
C GLU A 59 10.41 -12.61 -13.33
N ILE A 60 10.18 -13.90 -13.51
CA ILE A 60 9.75 -14.37 -14.83
C ILE A 60 8.30 -14.72 -14.69
N ASP A 61 7.49 -14.20 -15.61
CA ASP A 61 6.09 -14.56 -15.68
C ASP A 61 5.83 -15.33 -16.96
N VAL A 62 5.19 -16.49 -16.84
CA VAL A 62 4.79 -17.27 -18.00
C VAL A 62 3.30 -17.60 -17.91
N PHE A 63 2.59 -17.27 -18.98
CA PHE A 63 1.16 -17.53 -19.08
C PHE A 63 0.99 -18.70 -20.07
N LEU A 64 0.26 -19.72 -19.63
CA LEU A 64 -0.14 -20.85 -20.47
C LEU A 64 -1.39 -20.47 -21.26
N LEU A 65 -1.32 -20.69 -22.57
CA LEU A 65 -2.30 -20.23 -23.55
C LEU A 65 -3.15 -21.39 -24.06
N PHE A 66 -4.30 -21.60 -23.43
CA PHE A 66 -5.08 -22.79 -23.68
C PHE A 66 -6.34 -22.51 -24.48
N PRO A 67 -6.65 -23.38 -25.46
CA PRO A 67 -7.76 -23.17 -26.41
C PRO A 67 -9.06 -22.69 -25.78
N GLU A 68 -9.74 -21.78 -26.47
CA GLU A 68 -10.96 -21.12 -25.96
C GLU A 68 -12.07 -22.06 -25.44
N GLU A 69 -12.12 -23.29 -25.96
CA GLU A 69 -13.04 -24.31 -25.47
C GLU A 69 -12.36 -25.24 -24.43
N PHE A 70 -11.96 -24.63 -23.31
CA PHE A 70 -11.54 -25.35 -22.11
C PHE A 70 -12.41 -24.83 -20.96
N SER A 71 -12.88 -25.72 -20.10
CA SER A 71 -13.78 -25.33 -19.01
C SER A 71 -13.06 -24.46 -17.97
N LYS A 72 -13.81 -23.94 -16.99
CA LYS A 72 -13.24 -23.13 -15.92
C LYS A 72 -12.57 -23.98 -14.82
N GLU A 73 -12.85 -25.29 -14.81
CA GLU A 73 -12.21 -26.24 -13.91
C GLU A 73 -11.09 -27.03 -14.62
N GLU A 74 -11.26 -27.29 -15.92
CA GLU A 74 -10.29 -28.04 -16.73
C GLU A 74 -9.00 -27.24 -16.95
N LEU A 75 -9.12 -25.91 -17.05
CA LEU A 75 -7.96 -25.02 -17.16
C LEU A 75 -7.32 -24.83 -15.78
N ARG A 76 -8.11 -24.96 -14.72
CA ARG A 76 -7.64 -24.79 -13.36
C ARG A 76 -6.85 -26.01 -12.87
N GLU A 77 -7.14 -27.19 -13.41
CA GLU A 77 -6.47 -28.41 -12.99
C GLU A 77 -5.23 -28.62 -13.85
N ARG A 78 -5.46 -28.68 -15.16
CA ARG A 78 -4.42 -28.88 -16.17
C ARG A 78 -3.30 -27.83 -16.09
N GLY A 79 -3.70 -26.57 -15.92
CA GLY A 79 -2.76 -25.46 -15.83
C GLY A 79 -1.77 -25.56 -14.68
N LEU A 80 -2.20 -26.20 -13.59
CA LEU A 80 -1.36 -26.38 -12.41
C LEU A 80 -0.53 -27.67 -12.47
N GLU A 81 -1.01 -28.66 -13.23
CA GLU A 81 -0.26 -29.88 -13.52
C GLU A 81 1.04 -29.60 -14.29
N ILE A 82 1.02 -28.58 -15.15
CA ILE A 82 2.20 -28.19 -15.90
C ILE A 82 3.15 -27.38 -15.03
N GLY A 83 2.57 -26.59 -14.13
CA GLY A 83 3.36 -25.82 -13.17
C GLY A 83 4.12 -26.66 -12.16
N LYS A 84 3.59 -27.84 -11.83
CA LYS A 84 4.31 -28.76 -10.94
C LYS A 84 5.51 -29.28 -11.72
N ALA A 85 5.25 -29.66 -12.97
CA ALA A 85 6.21 -30.37 -13.79
C ALA A 85 7.35 -29.48 -14.29
N VAL A 86 7.11 -28.18 -14.31
CA VAL A 86 8.08 -27.24 -14.88
C VAL A 86 8.94 -26.54 -13.80
N LEU A 87 8.46 -26.48 -12.56
CA LEU A 87 9.18 -25.76 -11.52
C LEU A 87 9.97 -26.70 -10.64
N ASP A 88 11.16 -26.25 -10.24
CA ASP A 88 11.96 -26.89 -9.20
C ASP A 88 11.06 -27.13 -7.98
N SER A 89 10.40 -26.06 -7.54
CA SER A 89 9.44 -26.11 -6.43
C SER A 89 8.18 -25.29 -6.78
N TYR A 90 7.02 -25.81 -6.37
CA TYR A 90 5.73 -25.21 -6.74
C TYR A 90 4.82 -24.91 -5.54
N GLU A 91 4.03 -23.84 -5.64
CA GLU A 91 2.89 -23.61 -4.72
C GLU A 91 1.74 -22.89 -5.45
N ILE A 92 0.54 -22.95 -4.86
CA ILE A 92 -0.65 -22.33 -5.44
C ILE A 92 -1.07 -21.11 -4.64
N ARG A 93 -0.61 -19.93 -5.06
CA ARG A 93 -1.05 -18.67 -4.46
C ARG A 93 -2.29 -18.16 -5.20
N TYR A 94 -2.90 -17.09 -4.67
CA TYR A 94 -4.08 -16.49 -5.27
C TYR A 94 -3.94 -14.97 -5.44
N ALA A 95 -4.11 -14.48 -6.66
CA ALA A 95 -4.33 -13.05 -6.93
C ALA A 95 -5.84 -12.83 -7.04
N GLU A 96 -6.49 -13.67 -7.86
CA GLU A 96 -7.95 -13.85 -7.84
C GLU A 96 -8.34 -15.32 -8.02
N HIS A 97 -7.75 -15.97 -9.03
CA HIS A 97 -7.84 -17.42 -9.20
C HIS A 97 -6.46 -18.01 -8.88
N PRO A 98 -6.39 -19.29 -8.53
CA PRO A 98 -5.11 -19.97 -8.31
C PRO A 98 -4.15 -19.92 -9.51
N TYR A 99 -2.86 -20.00 -9.18
CA TYR A 99 -1.77 -19.96 -10.16
C TYR A 99 -0.49 -20.40 -9.48
N VAL A 100 0.39 -21.06 -10.23
CA VAL A 100 1.61 -21.61 -9.64
C VAL A 100 2.69 -20.53 -9.53
N HIS A 101 3.14 -20.25 -8.31
CA HIS A 101 4.24 -19.33 -8.04
C HIS A 101 5.38 -20.06 -7.36
N GLY A 102 6.43 -20.36 -8.12
CA GLY A 102 7.55 -21.13 -7.63
C GLY A 102 8.88 -20.58 -8.12
N VAL A 103 9.82 -21.48 -8.40
CA VAL A 103 11.22 -21.11 -8.69
C VAL A 103 11.83 -22.04 -9.76
N VAL A 104 12.72 -21.47 -10.58
CA VAL A 104 13.55 -22.26 -11.50
C VAL A 104 14.97 -21.71 -11.48
N LYS A 105 15.92 -22.55 -11.07
CA LYS A 105 17.34 -22.19 -10.98
C LYS A 105 17.58 -20.83 -10.31
N GLY A 106 16.96 -20.65 -9.15
CA GLY A 106 17.20 -19.48 -8.31
C GLY A 106 16.46 -18.23 -8.70
N VAL A 107 15.37 -18.40 -9.44
CA VAL A 107 14.61 -17.27 -10.00
C VAL A 107 13.12 -17.48 -9.81
N GLU A 108 12.46 -16.56 -9.09
CA GLU A 108 11.00 -16.51 -9.01
C GLU A 108 10.32 -16.62 -10.40
N VAL A 109 9.36 -17.56 -10.53
CA VAL A 109 8.49 -17.68 -11.70
C VAL A 109 7.02 -17.77 -11.27
N ASP A 110 6.13 -17.08 -11.99
CA ASP A 110 4.70 -17.26 -11.85
C ASP A 110 4.25 -18.02 -13.12
N VAL A 111 3.57 -19.16 -12.97
CA VAL A 111 2.88 -19.79 -14.09
C VAL A 111 1.37 -19.67 -13.92
N VAL A 112 0.72 -19.17 -14.98
CA VAL A 112 -0.66 -18.75 -14.92
C VAL A 112 -1.45 -19.36 -16.08
N PRO A 113 -2.45 -20.19 -15.79
CA PRO A 113 -3.38 -20.65 -16.82
C PRO A 113 -4.34 -19.54 -17.31
N CYS A 114 -4.53 -19.42 -18.63
CA CYS A 114 -5.50 -18.46 -19.18
C CYS A 114 -5.85 -18.76 -20.64
N TYR A 115 -7.02 -18.30 -21.06
CA TYR A 115 -7.53 -18.58 -22.39
C TYR A 115 -6.63 -17.96 -23.49
N LYS A 116 -6.35 -18.74 -24.54
CA LYS A 116 -5.70 -18.22 -25.74
C LYS A 116 -6.72 -17.42 -26.54
N LEU A 117 -6.49 -16.11 -26.57
CA LEU A 117 -7.45 -15.17 -27.16
C LEU A 117 -6.77 -14.20 -28.10
N LYS A 118 -7.39 -14.02 -29.27
CA LYS A 118 -7.06 -12.93 -30.17
C LYS A 118 -8.18 -11.90 -30.07
N GLU A 119 -7.82 -10.64 -29.89
CA GLU A 119 -8.76 -9.53 -29.59
C GLU A 119 -9.24 -9.62 -28.13
N PRO A 120 -9.09 -8.53 -27.37
CA PRO A 120 -9.68 -8.46 -26.02
C PRO A 120 -11.21 -8.37 -26.11
N LYS A 121 -11.89 -7.91 -25.05
CA LYS A 121 -13.35 -8.00 -24.97
C LYS A 121 -13.78 -9.46 -24.98
N ASN A 122 -12.87 -10.33 -24.54
CA ASN A 122 -13.12 -11.77 -24.48
C ASN A 122 -12.34 -12.33 -23.29
N ILE A 123 -12.30 -11.54 -22.22
CA ILE A 123 -11.47 -11.82 -21.05
C ILE A 123 -12.35 -11.89 -19.79
N LYS A 124 -11.82 -12.51 -18.73
CA LYS A 124 -12.60 -12.81 -17.53
C LYS A 124 -12.07 -12.16 -16.22
N SER A 125 -10.76 -12.01 -16.11
CA SER A 125 -10.10 -11.57 -14.87
C SER A 125 -9.06 -10.48 -15.15
N ALA A 126 -8.31 -10.10 -14.12
CA ALA A 126 -7.09 -9.27 -14.33
C ALA A 126 -5.98 -10.11 -14.99
N VAL A 127 -6.07 -11.44 -14.87
CA VAL A 127 -5.11 -12.38 -15.44
C VAL A 127 -5.16 -12.39 -16.99
N ASP A 128 -6.36 -12.37 -17.57
CA ASP A 128 -6.54 -12.45 -19.03
C ASP A 128 -6.18 -11.15 -19.77
N ARG A 129 -6.08 -10.04 -19.04
CA ARG A 129 -5.61 -8.77 -19.59
C ARG A 129 -4.09 -8.78 -19.80
N THR A 130 -3.39 -9.58 -19.02
CA THR A 130 -1.94 -9.50 -18.93
C THR A 130 -1.25 -9.79 -20.23
N PRO A 131 -1.60 -10.91 -20.87
CA PRO A 131 -1.09 -11.16 -22.22
C PRO A 131 -1.33 -9.99 -23.15
N PHE A 132 -2.46 -9.30 -23.01
CA PHE A 132 -2.77 -8.18 -23.88
C PHE A 132 -1.97 -6.95 -23.50
N HIS A 133 -1.73 -6.75 -22.19
CA HIS A 133 -0.83 -5.71 -21.70
C HIS A 133 0.51 -5.81 -22.42
N HIS A 134 1.06 -7.04 -22.41
CA HIS A 134 2.39 -7.33 -22.92
C HIS A 134 2.43 -7.07 -24.42
N LYS A 135 1.49 -7.67 -25.15
CA LYS A 135 1.31 -7.45 -26.59
C LYS A 135 1.22 -5.97 -26.94
N TRP A 136 0.39 -5.22 -26.21
CA TRP A 136 0.24 -3.79 -26.46
C TRP A 136 1.56 -3.04 -26.24
N LEU A 137 2.33 -3.45 -25.21
CA LEU A 137 3.58 -2.77 -24.86
C LEU A 137 4.82 -3.19 -25.61
N GLU A 138 4.84 -4.41 -26.12
CA GLU A 138 6.00 -4.92 -26.79
C GLU A 138 6.12 -4.17 -28.14
N GLY A 139 7.31 -3.64 -28.42
CA GLY A 139 7.51 -2.85 -29.65
C GLY A 139 7.40 -1.34 -29.41
N ARG A 140 6.39 -0.92 -28.65
CA ARG A 140 6.23 0.49 -28.25
C ARG A 140 7.24 0.92 -27.20
N ILE A 141 7.72 -0.03 -26.41
CA ILE A 141 8.65 0.26 -25.33
C ILE A 141 10.09 0.00 -25.75
N LYS A 142 10.33 -0.57 -26.93
CA LYS A 142 11.70 -0.69 -27.49
C LYS A 142 12.43 0.67 -27.58
N GLY A 143 13.72 0.66 -27.24
CA GLY A 143 14.52 1.88 -27.13
C GLY A 143 14.31 2.70 -25.85
N LYS A 144 13.25 2.39 -25.11
CA LYS A 144 12.86 3.17 -23.95
C LYS A 144 12.91 2.35 -22.67
N GLU A 145 13.66 1.27 -22.69
CA GLU A 145 13.68 0.33 -21.58
C GLU A 145 14.34 1.00 -20.36
N ASN A 146 15.41 1.76 -20.61
CA ASN A 146 16.15 2.46 -19.56
C ASN A 146 15.37 3.61 -18.94
N GLU A 147 14.55 4.28 -19.75
CA GLU A 147 13.60 5.27 -19.23
C GLU A 147 12.68 4.65 -18.17
N VAL A 148 12.13 3.47 -18.47
CA VAL A 148 11.23 2.78 -17.55
C VAL A 148 11.96 2.51 -16.27
N ARG A 149 13.19 2.04 -16.37
CA ARG A 149 13.93 1.68 -15.17
C ARG A 149 14.21 2.92 -14.33
N LEU A 150 14.58 4.01 -14.98
CA LEU A 150 14.81 5.28 -14.31
C LEU A 150 13.55 5.68 -13.52
N LEU A 151 12.39 5.58 -14.15
CA LEU A 151 11.13 5.87 -13.47
C LEU A 151 10.85 4.91 -12.31
N LYS A 152 11.00 3.59 -12.55
CA LYS A 152 10.76 2.62 -11.47
C LYS A 152 11.69 2.93 -10.33
N GLY A 153 12.95 3.20 -10.69
CA GLY A 153 13.98 3.54 -9.73
C GLY A 153 13.74 4.80 -8.90
N PHE A 154 13.19 5.81 -9.55
CA PHE A 154 12.87 7.05 -8.89
C PHE A 154 11.77 6.76 -7.84
N LEU A 155 10.74 6.02 -8.25
CA LEU A 155 9.62 5.71 -7.40
C LEU A 155 10.02 4.82 -6.18
N LYS A 156 10.89 3.85 -6.44
CA LYS A 156 11.30 2.90 -5.44
C LYS A 156 12.15 3.58 -4.39
N ALA A 157 13.01 4.53 -4.80
CA ALA A 157 13.93 5.16 -3.84
C ALA A 157 13.14 6.10 -2.94
N ASN A 158 11.94 6.47 -3.39
CA ASN A 158 11.06 7.32 -2.60
C ASN A 158 9.84 6.55 -1.99
N GLY A 159 9.87 5.22 -2.07
CA GLY A 159 8.91 4.38 -1.39
C GLY A 159 7.57 4.27 -2.08
N ILE A 160 7.48 4.57 -3.37
CA ILE A 160 6.18 4.51 -4.04
C ILE A 160 6.18 3.66 -5.32
N TYR A 161 7.07 2.68 -5.40
CA TYR A 161 6.99 1.66 -6.48
C TYR A 161 6.33 0.37 -5.94
N GLY A 162 5.27 -0.05 -6.62
CA GLY A 162 4.51 -1.22 -6.26
C GLY A 162 3.04 -0.87 -6.03
N ALA A 163 2.13 -1.62 -6.62
CA ALA A 163 0.70 -1.44 -6.44
C ALA A 163 0.13 -2.24 -5.29
N GLU A 164 0.98 -2.99 -4.59
CA GLU A 164 0.51 -3.88 -3.53
C GLU A 164 0.12 -2.99 -2.36
N TYR A 165 -0.64 -3.50 -1.42
CA TYR A 165 -1.30 -2.60 -0.51
C TYR A 165 -0.40 -2.05 0.58
N LYS A 166 0.73 -2.71 0.82
CA LYS A 166 1.74 -2.17 1.69
C LYS A 166 2.28 -0.89 1.12
N VAL A 167 2.25 -0.73 -0.21
CA VAL A 167 2.81 0.45 -0.84
C VAL A 167 1.73 1.42 -1.39
N ARG A 168 0.68 0.90 -2.03
CA ARG A 168 -0.30 1.73 -2.70
C ARG A 168 0.39 2.81 -3.62
N GLY A 169 1.45 2.37 -4.30
CA GLY A 169 2.21 3.19 -5.24
C GLY A 169 1.93 2.87 -6.70
N PHE A 170 2.95 3.03 -7.53
CA PHE A 170 2.82 2.82 -8.99
C PHE A 170 3.23 1.41 -9.45
N SER A 171 2.37 0.73 -10.21
CA SER A 171 2.72 -0.62 -10.73
C SER A 171 3.71 -0.51 -11.89
N GLY A 172 4.35 -1.61 -12.27
CA GLY A 172 5.27 -1.66 -13.40
C GLY A 172 4.58 -1.30 -14.71
N TYR A 173 3.44 -1.95 -14.96
CA TYR A 173 2.60 -1.62 -16.10
C TYR A 173 2.28 -0.14 -16.20
N LEU A 174 1.88 0.47 -15.09
CA LEU A 174 1.62 1.90 -15.08
C LEU A 174 2.88 2.69 -15.56
N CYS A 175 4.06 2.34 -15.03
CA CYS A 175 5.31 3.02 -15.38
C CYS A 175 5.64 2.92 -16.90
N GLU A 176 5.40 1.75 -17.49
CA GLU A 176 5.60 1.51 -18.91
C GLU A 176 4.56 2.28 -19.72
N LEU A 177 3.30 2.26 -19.31
CA LEU A 177 2.33 3.15 -19.94
C LEU A 177 2.80 4.63 -19.95
N LEU A 178 3.25 5.10 -18.80
CA LEU A 178 3.65 6.51 -18.67
C LEU A 178 4.77 6.88 -19.59
N ILE A 179 5.70 5.96 -19.78
CA ILE A 179 6.85 6.19 -20.61
C ILE A 179 6.42 6.21 -22.07
N VAL A 180 5.46 5.36 -22.43
CA VAL A 180 4.98 5.36 -23.81
C VAL A 180 4.26 6.67 -24.04
N PHE A 181 3.51 7.12 -23.05
CA PHE A 181 2.73 8.34 -23.22
C PHE A 181 3.57 9.62 -23.40
N TYR A 182 4.61 9.77 -22.58
CA TYR A 182 5.37 11.01 -22.53
C TYR A 182 6.69 10.89 -23.27
N GLY A 183 7.17 9.66 -23.41
CA GLY A 183 8.30 9.39 -24.29
C GLY A 183 9.53 9.08 -23.49
N SER A 184 9.68 9.72 -22.32
CA SER A 184 10.89 9.58 -21.51
C SER A 184 10.62 9.75 -20.02
N PHE A 185 11.63 9.41 -19.21
CA PHE A 185 11.54 9.65 -17.79
C PHE A 185 11.38 11.12 -17.51
N LEU A 186 12.19 11.91 -18.19
CA LEU A 186 12.25 13.33 -17.90
C LEU A 186 10.97 14.08 -18.29
N GLU A 187 10.35 13.71 -19.40
CA GLU A 187 9.08 14.29 -19.84
C GLU A 187 7.96 13.82 -18.91
N THR A 188 8.07 12.61 -18.39
CA THR A 188 7.07 12.09 -17.43
C THR A 188 7.11 13.01 -16.19
N VAL A 189 8.28 13.15 -15.60
CA VAL A 189 8.49 14.06 -14.47
C VAL A 189 8.06 15.54 -14.68
N LYS A 190 8.46 16.13 -15.81
CA LYS A 190 8.05 17.49 -16.16
C LYS A 190 6.52 17.67 -16.24
N ASN A 191 5.85 16.68 -16.81
CA ASN A 191 4.42 16.78 -17.02
C ASN A 191 3.63 16.45 -15.77
N ALA A 192 4.18 15.54 -14.95
CA ALA A 192 3.51 15.12 -13.71
C ALA A 192 3.50 16.25 -12.72
N ARG A 193 4.31 17.28 -12.94
CA ARG A 193 4.21 18.47 -12.07
C ARG A 193 2.83 19.16 -12.13
N ARG A 194 2.05 18.88 -13.18
CA ARG A 194 0.73 19.44 -13.36
C ARG A 194 -0.41 18.43 -13.15
N TRP A 195 -0.10 17.21 -12.71
CA TRP A 195 -1.17 16.27 -12.48
C TRP A 195 -2.02 16.75 -11.33
N THR A 196 -3.32 16.45 -11.41
CA THR A 196 -4.22 16.71 -10.27
C THR A 196 -4.93 15.43 -9.86
N ARG A 197 -5.65 15.49 -8.75
CA ARG A 197 -6.46 14.35 -8.35
C ARG A 197 -7.63 14.07 -9.33
N ARG A 198 -7.79 14.92 -10.34
CA ARG A 198 -8.84 14.66 -11.34
C ARG A 198 -8.30 14.32 -12.75
N THR A 199 -6.99 14.12 -12.86
CA THR A 199 -6.35 13.97 -14.17
C THR A 199 -6.68 12.61 -14.76
N VAL A 200 -7.16 12.60 -16.00
CA VAL A 200 -7.37 11.37 -16.74
C VAL A 200 -6.35 11.32 -17.85
N ILE A 201 -5.44 10.34 -17.76
CA ILE A 201 -4.48 10.01 -18.79
C ILE A 201 -5.00 8.86 -19.65
N ASP A 202 -5.45 9.22 -20.87
CA ASP A 202 -6.00 8.25 -21.81
C ASP A 202 -4.97 7.93 -22.91
N VAL A 203 -4.21 6.89 -22.61
CA VAL A 203 -3.04 6.45 -23.33
C VAL A 203 -3.39 6.11 -24.78
N ALA A 204 -4.45 5.32 -24.97
CA ALA A 204 -4.87 4.92 -26.31
C ALA A 204 -5.38 6.10 -27.15
N LYS A 205 -5.92 7.15 -26.52
CA LYS A 205 -6.34 8.34 -27.27
C LYS A 205 -5.24 9.45 -27.39
N GLY A 206 -4.09 9.24 -26.76
CA GLY A 206 -3.01 10.20 -26.69
C GLY A 206 -3.43 11.49 -26.03
N GLU A 207 -4.18 11.36 -24.95
CA GLU A 207 -4.98 12.46 -24.44
C GLU A 207 -4.97 12.52 -22.94
N VAL A 208 -4.96 13.75 -22.42
CA VAL A 208 -5.10 14.02 -21.05
C VAL A 208 -6.33 14.90 -20.91
N ARG A 209 -7.13 14.61 -19.91
CA ARG A 209 -8.33 15.38 -19.68
C ARG A 209 -8.73 15.27 -18.21
N LYS A 210 -9.88 15.85 -17.87
CA LYS A 210 -10.34 16.00 -16.51
C LYS A 210 -11.49 15.04 -16.35
N GLY A 211 -11.54 14.39 -15.23
CA GLY A 211 -12.70 13.61 -14.87
C GLY A 211 -12.83 13.70 -13.36
N GLU A 212 -13.19 12.59 -12.74
CA GLU A 212 -13.67 12.58 -11.38
C GLU A 212 -12.57 12.16 -10.42
N GLU A 213 -11.63 11.34 -10.90
CA GLU A 213 -10.51 10.86 -10.07
C GLU A 213 -9.31 10.65 -10.93
N PHE A 214 -8.19 10.38 -10.29
CA PHE A 214 -6.99 10.12 -11.06
C PHE A 214 -7.28 8.79 -11.74
N PHE A 215 -7.09 8.75 -13.04
CA PHE A 215 -7.45 7.57 -13.79
C PHE A 215 -6.51 7.43 -14.98
N VAL A 216 -5.76 6.34 -15.03
CA VAL A 216 -4.94 5.99 -16.21
C VAL A 216 -5.64 4.87 -16.98
N VAL A 217 -6.13 5.23 -18.16
CA VAL A 217 -7.01 4.34 -18.94
C VAL A 217 -6.17 3.27 -19.62
N ASP A 218 -6.42 2.03 -19.23
CA ASP A 218 -5.80 0.85 -19.84
C ASP A 218 -6.06 0.80 -21.36
N PRO A 219 -5.02 0.92 -22.18
CA PRO A 219 -5.20 0.82 -23.64
C PRO A 219 -5.85 -0.51 -24.05
N VAL A 220 -5.74 -1.54 -23.23
CA VAL A 220 -6.36 -2.82 -23.53
C VAL A 220 -7.85 -2.83 -23.18
N ASP A 221 -8.22 -2.17 -22.08
CA ASP A 221 -9.61 -2.13 -21.63
C ASP A 221 -9.97 -0.77 -21.01
N GLU A 222 -10.84 0.00 -21.69
CA GLU A 222 -11.10 1.40 -21.33
C GLU A 222 -11.84 1.63 -20.02
N LYS A 223 -12.42 0.57 -19.46
CA LYS A 223 -13.03 0.63 -18.14
C LYS A 223 -12.03 0.50 -17.00
N ARG A 224 -10.80 0.10 -17.30
CA ARG A 224 -9.82 -0.22 -16.27
C ARG A 224 -8.91 0.96 -15.98
N ASN A 225 -8.92 1.41 -14.73
CA ASN A 225 -7.94 2.35 -14.22
C ASN A 225 -6.66 1.61 -13.82
N VAL A 226 -5.61 1.75 -14.63
CA VAL A 226 -4.30 1.13 -14.35
C VAL A 226 -3.72 1.65 -13.08
N ALA A 227 -4.05 2.87 -12.71
CA ALA A 227 -3.62 3.40 -11.44
C ALA A 227 -4.63 3.21 -10.27
N ALA A 228 -5.48 2.17 -10.32
CA ALA A 228 -6.52 2.02 -9.28
C ALA A 228 -5.98 1.95 -7.87
N ASN A 229 -4.81 1.37 -7.70
CA ASN A 229 -4.25 1.17 -6.35
C ASN A 229 -3.31 2.30 -5.93
N LEU A 230 -3.05 3.28 -6.80
CA LEU A 230 -2.25 4.44 -6.41
C LEU A 230 -3.07 5.31 -5.42
N SER A 231 -2.55 5.53 -4.21
CA SER A 231 -3.31 6.31 -3.20
C SER A 231 -3.19 7.78 -3.53
N LEU A 232 -4.12 8.56 -3.05
CA LEU A 232 -4.16 9.99 -3.29
C LEU A 232 -2.92 10.60 -2.73
N ASP A 233 -2.50 10.12 -1.58
CA ASP A 233 -1.33 10.74 -0.96
C ASP A 233 -0.04 10.43 -1.67
N ASN A 234 0.08 9.24 -2.24
CA ASN A 234 1.26 8.94 -3.06
C ASN A 234 1.32 9.61 -4.42
N LEU A 235 0.14 9.85 -4.98
CA LEU A 235 0.06 10.69 -6.15
C LEU A 235 0.60 12.08 -5.77
N ALA A 236 0.13 12.60 -4.64
CA ALA A 236 0.52 13.92 -4.18
C ALA A 236 2.02 13.99 -4.01
N ARG A 237 2.57 12.98 -3.37
CA ARG A 237 3.99 12.89 -3.10
C ARG A 237 4.77 12.85 -4.43
N PHE A 238 4.25 12.13 -5.41
CA PHE A 238 4.97 11.97 -6.64
C PHE A 238 5.05 13.32 -7.34
N VAL A 239 3.94 14.00 -7.36
CA VAL A 239 3.83 15.28 -8.01
C VAL A 239 4.80 16.26 -7.40
N HIS A 240 4.88 16.23 -6.09
CA HIS A 240 5.75 17.15 -5.39
C HIS A 240 7.20 16.79 -5.58
N LEU A 241 7.49 15.50 -5.56
CA LEU A 241 8.85 15.03 -5.81
C LEU A 241 9.31 15.45 -7.20
N CYS A 242 8.39 15.43 -8.17
CA CYS A 242 8.70 15.79 -9.55
C CYS A 242 9.00 17.29 -9.68
N ARG A 243 8.26 18.11 -8.93
CA ARG A 243 8.52 19.55 -8.86
C ARG A 243 9.91 19.83 -8.24
N GLU A 244 10.18 19.20 -7.09
CA GLU A 244 11.45 19.33 -6.38
C GLU A 244 12.62 18.91 -7.27
N PHE A 245 12.46 17.80 -8.00
CA PHE A 245 13.49 17.28 -8.90
C PHE A 245 13.85 18.28 -9.99
N MET A 246 12.83 18.82 -10.67
CA MET A 246 13.07 19.79 -11.75
C MET A 246 13.63 21.11 -11.20
N GLU A 247 13.38 21.40 -9.91
CA GLU A 247 13.87 22.63 -9.31
C GLU A 247 15.34 22.50 -8.93
N ALA A 248 15.73 21.35 -8.37
CA ALA A 248 17.12 21.13 -7.97
C ALA A 248 17.46 19.66 -8.14
N PRO A 249 17.77 19.27 -9.36
CA PRO A 249 18.00 17.85 -9.67
C PRO A 249 19.24 17.30 -8.92
N SER A 250 19.20 16.00 -8.65
CA SER A 250 20.21 15.33 -7.82
C SER A 250 20.10 13.80 -7.89
N LEU A 251 21.25 13.14 -7.88
CA LEU A 251 21.34 11.67 -7.80
C LEU A 251 20.57 11.08 -6.61
N GLY A 252 20.53 11.82 -5.51
CA GLY A 252 19.93 11.38 -4.26
C GLY A 252 18.45 11.06 -4.34
N PHE A 253 17.77 11.54 -5.39
CA PHE A 253 16.38 11.16 -5.68
C PHE A 253 16.22 9.70 -6.16
N PHE A 254 17.33 9.09 -6.59
CA PHE A 254 17.36 7.68 -6.98
C PHE A 254 18.01 6.79 -5.90
N LYS A 255 18.43 7.43 -4.81
CA LYS A 255 18.96 6.75 -3.63
C LYS A 255 17.91 6.85 -2.50
N PRO A 256 17.71 5.76 -1.74
CA PRO A 256 17.00 5.84 -0.46
C PRO A 256 17.70 6.76 0.55
N LYS A 257 16.91 7.40 1.42
CA LYS A 257 17.42 8.32 2.43
C LYS A 257 18.10 7.55 3.54
N HIS A 258 19.36 7.88 3.80
CA HIS A 258 20.10 7.38 4.96
C HIS A 258 19.16 7.56 6.15
N PRO A 259 18.68 6.47 6.75
CA PRO A 259 17.56 6.55 7.69
C PRO A 259 17.93 7.28 8.97
N LEU A 260 16.95 7.46 9.85
CA LEU A 260 17.14 8.33 11.00
C LEU A 260 17.96 7.62 12.06
N GLU A 261 17.50 6.42 12.48
CA GLU A 261 18.10 5.69 13.60
C GLU A 261 18.56 6.65 14.72
N ILE A 262 17.57 7.25 15.38
CA ILE A 262 17.78 8.15 16.50
C ILE A 262 17.75 7.32 17.77
N GLU A 263 18.36 7.82 18.84
CA GLU A 263 18.44 7.06 20.05
C GLU A 263 17.34 7.51 20.96
N PRO A 264 16.95 6.63 21.90
CA PRO A 264 15.85 6.92 22.81
C PRO A 264 15.90 8.31 23.48
N GLU A 265 17.09 8.86 23.71
CA GLU A 265 17.20 10.11 24.43
C GLU A 265 16.67 11.28 23.61
N ARG A 266 16.99 11.34 22.33
CA ARG A 266 16.43 12.37 21.48
C ARG A 266 14.93 12.27 21.36
N LEU A 267 14.43 11.06 21.25
CA LEU A 267 13.00 10.86 21.13
C LEU A 267 12.30 11.31 22.40
N ARG A 268 12.91 11.04 23.53
CA ARG A 268 12.37 11.44 24.83
C ARG A 268 12.26 12.98 24.87
N LYS A 269 13.32 13.66 24.46
CA LYS A 269 13.35 15.10 24.39
C LYS A 269 12.27 15.63 23.48
N ILE A 270 12.15 15.05 22.28
CA ILE A 270 11.19 15.50 21.27
C ILE A 270 9.77 15.32 21.79
N VAL A 271 9.47 14.17 22.35
CA VAL A 271 8.16 13.95 22.87
C VAL A 271 7.84 14.96 23.99
N GLU A 272 8.84 15.27 24.80
CA GLU A 272 8.69 16.16 25.93
C GLU A 272 8.39 17.54 25.43
N GLU A 273 9.12 17.99 24.41
CA GLU A 273 8.94 19.30 23.83
C GLU A 273 7.53 19.43 23.18
N ARG A 274 7.10 18.38 22.48
CA ARG A 274 5.84 18.41 21.78
C ARG A 274 4.71 18.41 22.79
N GLY A 275 4.90 17.69 23.91
CA GLY A 275 3.98 17.64 25.04
C GLY A 275 2.73 16.77 24.81
N THR A 276 2.90 15.77 23.95
CA THR A 276 1.83 14.88 23.56
C THR A 276 1.83 13.58 24.36
N ALA A 277 0.77 12.85 24.26
CA ALA A 277 0.76 11.42 24.58
C ALA A 277 1.14 10.59 23.37
N VAL A 278 2.19 9.79 23.46
CA VAL A 278 2.64 8.89 22.40
C VAL A 278 2.53 7.48 22.89
N PHE A 279 1.73 6.66 22.21
CA PHE A 279 1.62 5.27 22.65
C PHE A 279 1.34 4.29 21.48
N ALA A 280 1.47 3.00 21.75
CA ALA A 280 1.16 1.98 20.76
C ALA A 280 0.28 0.85 21.30
N VAL A 281 -0.57 0.34 20.43
CA VAL A 281 -1.21 -0.94 20.66
C VAL A 281 -0.35 -2.02 20.02
N LYS A 282 0.16 -2.95 20.84
CA LYS A 282 0.95 -4.13 20.42
C LYS A 282 0.11 -5.40 20.47
N PHE A 283 0.26 -6.28 19.49
CA PHE A 283 -0.45 -7.56 19.49
C PHE A 283 0.22 -8.47 18.49
N ARG A 284 -0.15 -9.73 18.51
CA ARG A 284 0.50 -10.72 17.68
C ARG A 284 -0.02 -10.64 16.25
N LYS A 285 0.93 -10.69 15.32
CA LYS A 285 0.66 -10.56 13.92
C LYS A 285 -0.10 -11.77 13.42
N PRO A 286 -1.27 -11.58 12.82
CA PRO A 286 -1.95 -12.73 12.27
C PRO A 286 -1.17 -13.29 11.06
N ASP A 287 -1.36 -14.57 10.80
CA ASP A 287 -0.61 -15.27 9.79
C ASP A 287 -1.48 -15.18 8.54
N ILE A 288 -1.43 -14.01 7.92
CA ILE A 288 -2.05 -13.78 6.63
C ILE A 288 -1.06 -13.02 5.77
N VAL A 289 -1.31 -13.01 4.47
CA VAL A 289 -0.44 -12.34 3.53
C VAL A 289 -0.57 -10.81 3.66
N ASP A 290 0.42 -10.10 3.14
CA ASP A 290 0.44 -8.66 3.16
C ASP A 290 -0.79 -7.91 2.64
N ASP A 291 -1.30 -8.33 1.49
CA ASP A 291 -2.42 -7.61 0.86
C ASP A 291 -3.70 -7.73 1.70
N ASN A 292 -3.73 -8.70 2.61
CA ASN A 292 -4.82 -8.85 3.55
C ASN A 292 -4.51 -8.15 4.88
N LEU A 293 -3.29 -8.28 5.38
CA LEU A 293 -2.90 -7.63 6.64
C LEU A 293 -2.96 -6.09 6.59
N TYR A 294 -2.28 -5.48 5.64
CA TYR A 294 -2.18 -4.03 5.61
C TYR A 294 -3.52 -3.25 5.53
N PRO A 295 -4.49 -3.66 4.72
CA PRO A 295 -5.84 -3.06 4.84
C PRO A 295 -6.47 -3.23 6.23
N GLN A 296 -6.25 -4.36 6.90
CA GLN A 296 -6.73 -4.51 8.27
C GLN A 296 -6.02 -3.54 9.24
N LEU A 297 -4.70 -3.44 9.14
CA LEU A 297 -3.96 -2.52 10.02
C LEU A 297 -4.42 -1.09 9.77
N GLU A 298 -4.77 -0.77 8.52
CA GLU A 298 -5.18 0.56 8.21
C GLU A 298 -6.54 0.80 8.86
N ARG A 299 -7.41 -0.18 8.79
CA ARG A 299 -8.74 -0.03 9.33
C ARG A 299 -8.66 0.01 10.86
N ALA A 300 -7.88 -0.86 11.49
CA ALA A 300 -7.78 -0.88 12.95
C ALA A 300 -7.31 0.50 13.44
N SER A 301 -6.25 0.98 12.80
CA SER A 301 -5.63 2.22 13.21
C SER A 301 -6.61 3.41 12.92
N ARG A 302 -7.33 3.37 11.79
CA ARG A 302 -8.40 4.35 11.59
C ARG A 302 -9.54 4.34 12.63
N LYS A 303 -10.03 3.15 12.97
CA LYS A 303 -11.05 3.00 14.00
C LYS A 303 -10.61 3.55 15.35
N ILE A 304 -9.41 3.24 15.77
CA ILE A 304 -8.94 3.73 17.08
C ILE A 304 -8.76 5.26 17.00
N PHE A 305 -8.26 5.76 15.88
CA PHE A 305 -8.10 7.19 15.62
C PHE A 305 -9.38 7.95 15.75
N GLU A 306 -10.46 7.41 15.18
CA GLU A 306 -11.79 7.99 15.24
C GLU A 306 -12.40 7.90 16.63
N PHE A 307 -12.17 6.79 17.29
CA PHE A 307 -12.52 6.73 18.70
C PHE A 307 -11.87 7.89 19.53
N LEU A 308 -10.58 8.13 19.34
CA LEU A 308 -9.83 9.10 20.07
C LEU A 308 -10.29 10.51 19.73
N GLU A 309 -10.64 10.76 18.46
CA GLU A 309 -11.24 12.03 18.08
C GLU A 309 -12.58 12.26 18.78
N ARG A 310 -13.40 11.21 18.74
CA ARG A 310 -14.78 11.25 19.22
C ARG A 310 -14.77 11.46 20.74
N GLU A 311 -13.69 11.00 21.38
CA GLU A 311 -13.55 11.04 22.85
C GLU A 311 -12.70 12.23 23.29
N ASN A 312 -12.35 13.12 22.35
CA ASN A 312 -11.81 14.43 22.64
C ASN A 312 -10.37 14.39 23.12
N PHE A 313 -9.64 13.33 22.74
CA PHE A 313 -8.18 13.23 23.00
C PHE A 313 -7.33 13.85 21.92
N MET A 314 -7.99 14.34 20.89
CA MET A 314 -7.35 15.07 19.78
C MET A 314 -6.10 14.44 19.19
N PRO A 315 -6.30 13.30 18.55
CA PRO A 315 -5.23 12.64 17.85
C PRO A 315 -4.60 13.50 16.73
N LEU A 316 -3.26 13.47 16.62
CA LEU A 316 -2.58 14.24 15.65
C LEU A 316 -2.43 13.41 14.38
N ARG A 317 -1.87 12.21 14.54
CA ARG A 317 -1.61 11.29 13.44
C ARG A 317 -1.52 9.88 14.00
N SER A 318 -1.53 8.90 13.11
CA SER A 318 -1.38 7.53 13.57
C SER A 318 -0.55 6.85 12.52
N ALA A 319 0.03 5.72 12.87
CA ALA A 319 0.84 4.96 11.94
C ALA A 319 0.75 3.50 12.41
N PHE A 320 1.31 2.55 11.65
CA PHE A 320 1.25 1.14 11.99
C PHE A 320 2.48 0.49 11.37
N LYS A 321 2.83 -0.64 11.94
CA LYS A 321 4.09 -1.34 11.64
C LYS A 321 3.78 -2.83 11.87
N ALA A 322 4.19 -3.69 10.96
CA ALA A 322 4.26 -5.12 11.19
C ALA A 322 5.72 -5.57 11.24
N SER A 323 6.05 -6.30 12.28
CA SER A 323 7.34 -6.95 12.47
C SER A 323 7.12 -8.42 12.15
N GLU A 324 8.08 -9.27 12.50
CA GLU A 324 7.95 -10.71 12.23
C GLU A 324 6.88 -11.29 13.10
N GLU A 325 6.90 -10.92 14.39
CA GLU A 325 6.04 -11.50 15.42
C GLU A 325 4.86 -10.60 15.85
N PHE A 326 5.08 -9.29 15.90
CA PHE A 326 4.06 -8.38 16.38
C PHE A 326 3.67 -7.30 15.33
N CYS A 327 2.46 -6.77 15.50
CA CYS A 327 2.03 -5.55 14.86
C CYS A 327 1.88 -4.48 15.90
N TYR A 328 1.97 -3.25 15.46
CA TYR A 328 1.88 -2.06 16.32
C TYR A 328 1.00 -1.03 15.69
N LEU A 329 0.06 -0.47 16.45
CA LEU A 329 -0.76 0.64 16.01
C LEU A 329 -0.30 1.79 16.84
N LEU A 330 0.17 2.84 16.19
CA LEU A 330 0.84 3.93 16.89
C LEU A 330 0.06 5.22 16.83
N PHE A 331 0.06 5.97 17.95
CA PHE A 331 -0.76 7.16 18.05
C PHE A 331 -0.02 8.25 18.79
N GLU A 332 -0.37 9.47 18.43
CA GLU A 332 0.05 10.67 19.16
C GLU A 332 -1.18 11.59 19.28
N CYS A 333 -1.44 12.02 20.53
CA CYS A 333 -2.62 12.80 20.88
C CYS A 333 -2.23 14.06 21.58
N GLN A 334 -2.99 15.11 21.35
CA GLN A 334 -2.72 16.40 21.97
C GLN A 334 -3.14 16.42 23.45
N ILE A 335 -4.05 15.53 23.83
CA ILE A 335 -4.57 15.56 25.17
C ILE A 335 -3.97 14.37 25.89
N LYS A 336 -3.23 14.62 26.95
CA LYS A 336 -2.66 13.59 27.77
C LYS A 336 -3.66 13.16 28.86
N GLU A 337 -4.47 14.11 29.34
CA GLU A 337 -5.46 13.81 30.39
C GLU A 337 -6.63 14.76 30.23
N ILE A 338 -7.84 14.21 30.28
CA ILE A 338 -9.07 14.99 30.29
C ILE A 338 -9.72 14.87 31.65
N SER A 339 -10.57 15.83 31.97
CA SER A 339 -11.35 15.82 33.19
C SER A 339 -12.20 14.53 33.33
N ARG A 340 -12.49 14.15 34.57
CA ARG A 340 -13.39 13.06 34.85
C ARG A 340 -14.82 13.48 34.48
N VAL A 341 -15.20 14.73 34.76
CA VAL A 341 -16.55 15.17 34.51
C VAL A 341 -16.71 15.62 33.06
N PHE A 342 -17.91 15.36 32.53
CA PHE A 342 -18.27 15.76 31.15
C PHE A 342 -19.78 16.13 31.14
N ARG A 343 -20.20 16.81 30.08
CA ARG A 343 -21.62 17.13 29.87
C ARG A 343 -22.34 16.08 29.07
N ARG A 344 -23.42 15.58 29.63
CA ARG A 344 -24.32 14.69 28.91
C ARG A 344 -25.60 15.47 28.50
N MET A 345 -25.98 15.40 27.24
CA MET A 345 -27.11 16.15 26.74
C MET A 345 -28.41 15.46 27.15
N GLY A 346 -29.38 16.21 27.68
CA GLY A 346 -30.72 15.74 27.92
C GLY A 346 -31.72 16.39 26.97
N PRO A 347 -33.00 16.23 27.30
CA PRO A 347 -34.09 16.75 26.47
C PRO A 347 -34.41 18.21 26.63
N GLN A 348 -35.16 18.68 25.63
CA GLN A 348 -35.70 20.02 25.64
C GLN A 348 -36.60 20.16 26.84
N PHE A 349 -36.68 21.35 27.38
CA PHE A 349 -37.45 21.54 28.61
C PHE A 349 -38.90 21.15 28.43
N GLU A 350 -39.44 21.31 27.22
CA GLU A 350 -40.87 20.99 26.96
C GLU A 350 -41.29 19.54 27.20
N ASP A 351 -40.38 18.62 26.98
CA ASP A 351 -40.70 17.20 26.82
C ASP A 351 -40.86 16.56 28.21
N GLU A 352 -42.00 16.72 28.85
CA GLU A 352 -42.08 16.39 30.29
C GLU A 352 -41.64 14.96 30.66
N ARG A 353 -42.18 14.00 29.95
CA ARG A 353 -41.88 12.59 30.24
C ARG A 353 -40.38 12.29 30.15
N ASN A 354 -39.73 12.78 29.09
CA ASN A 354 -38.34 12.50 28.94
C ASN A 354 -37.44 13.30 29.89
N VAL A 355 -37.84 14.49 30.31
CA VAL A 355 -37.10 15.20 31.35
C VAL A 355 -37.16 14.42 32.64
N LYS A 356 -38.31 13.83 32.93
CA LYS A 356 -38.49 13.09 34.15
C LYS A 356 -37.53 11.91 34.13
N LYS A 357 -37.38 11.24 33.00
CA LYS A 357 -36.47 10.10 32.93
C LYS A 357 -35.03 10.56 33.17
N PHE A 358 -34.66 11.68 32.55
CA PHE A 358 -33.28 12.16 32.58
C PHE A 358 -32.91 12.51 34.01
N LEU A 359 -33.86 13.12 34.72
CA LEU A 359 -33.69 13.60 36.10
C LEU A 359 -33.78 12.52 37.17
N SER A 360 -34.30 11.34 36.80
CA SER A 360 -34.34 10.14 37.66
C SER A 360 -33.03 9.50 38.05
N ARG A 361 -32.04 9.61 37.17
CA ARG A 361 -30.80 8.87 37.32
C ARG A 361 -30.08 9.55 38.44
N ASN A 362 -29.58 8.75 39.36
CA ASN A 362 -28.83 9.31 40.45
C ASN A 362 -27.47 9.77 39.91
N ARG A 363 -27.10 11.01 40.20
CA ARG A 363 -25.77 11.51 39.86
C ARG A 363 -25.19 12.32 41.03
N ALA A 364 -23.89 12.59 41.00
CA ALA A 364 -23.26 13.34 42.10
C ALA A 364 -23.54 14.86 42.09
N PHE A 365 -23.74 15.42 40.90
CA PHE A 365 -24.01 16.84 40.68
C PHE A 365 -25.43 17.04 40.03
N ARG A 366 -26.02 18.20 40.21
CA ARG A 366 -27.36 18.52 39.69
C ARG A 366 -27.35 18.85 38.23
N PRO A 367 -28.26 18.28 37.46
CA PRO A 367 -28.43 18.75 36.08
C PRO A 367 -28.93 20.19 36.01
N PHE A 368 -28.85 20.78 34.83
CA PHE A 368 -29.10 22.21 34.69
C PHE A 368 -29.65 22.45 33.32
N ILE A 369 -30.31 23.59 33.15
CA ILE A 369 -30.89 23.99 31.88
C ILE A 369 -29.94 24.99 31.19
N GLU A 370 -29.73 24.85 29.90
CA GLU A 370 -28.95 25.82 29.14
C GLU A 370 -29.48 25.85 27.75
N ASN A 371 -29.72 27.05 27.24
CA ASN A 371 -30.38 27.24 25.99
C ASN A 371 -31.61 26.31 25.75
N GLY A 372 -32.49 26.25 26.74
CA GLY A 372 -33.78 25.61 26.57
C GLY A 372 -33.72 24.11 26.73
N ARG A 373 -32.56 23.60 27.11
CA ARG A 373 -32.38 22.18 27.15
C ARG A 373 -31.69 21.70 28.40
N TRP A 374 -32.06 20.51 28.88
CA TRP A 374 -31.37 19.91 30.02
C TRP A 374 -30.02 19.31 29.65
N TRP A 375 -29.13 19.34 30.61
CA TRP A 375 -27.79 18.82 30.56
C TRP A 375 -27.46 18.28 31.95
N ALA A 376 -26.62 17.28 32.00
CA ALA A 376 -26.14 16.70 33.28
C ALA A 376 -24.67 16.52 33.26
N PHE A 377 -24.03 16.81 34.38
CA PHE A 377 -22.66 16.41 34.64
C PHE A 377 -22.63 14.94 34.95
N GLU A 378 -21.82 14.19 34.20
CA GLU A 378 -21.59 12.75 34.41
C GLU A 378 -20.08 12.47 34.35
N MET A 379 -19.69 11.24 34.70
CA MET A 379 -18.30 10.86 34.88
C MET A 379 -17.84 9.89 33.77
N ARG A 380 -16.70 10.22 33.15
CA ARG A 380 -16.00 9.39 32.17
C ARG A 380 -15.47 8.18 32.93
N LYS A 381 -15.29 7.07 32.26
CA LYS A 381 -14.60 5.89 32.77
C LYS A 381 -13.11 5.83 32.51
N PHE A 382 -12.58 6.79 31.77
CA PHE A 382 -11.14 6.84 31.56
C PHE A 382 -10.79 8.31 31.36
N THR A 383 -9.58 8.71 31.72
CA THR A 383 -9.17 10.10 31.57
C THR A 383 -7.92 10.33 30.71
N THR A 384 -7.28 9.26 30.24
CA THR A 384 -6.12 9.37 29.37
C THR A 384 -6.43 8.64 28.08
N PRO A 385 -5.76 9.00 26.99
CA PRO A 385 -6.02 8.32 25.72
C PRO A 385 -5.63 6.79 25.80
N GLU A 386 -4.54 6.47 26.51
CA GLU A 386 -4.14 5.09 26.77
C GLU A 386 -5.26 4.25 27.43
N GLU A 387 -5.90 4.77 28.47
CA GLU A 387 -7.00 4.07 29.13
C GLU A 387 -8.18 3.92 28.21
N GLY A 388 -8.53 4.99 27.51
CA GLY A 388 -9.56 4.95 26.49
C GLY A 388 -9.35 3.78 25.52
N VAL A 389 -8.14 3.65 25.00
CA VAL A 389 -7.90 2.65 23.97
C VAL A 389 -7.89 1.25 24.58
N ARG A 390 -7.35 1.10 25.79
CA ARG A 390 -7.47 -0.19 26.51
C ARG A 390 -8.94 -0.58 26.45
N SER A 391 -9.80 0.38 26.79
CA SER A 391 -11.19 0.07 26.90
C SER A 391 -11.75 -0.26 25.51
N TYR A 392 -11.40 0.55 24.50
CA TYR A 392 -11.96 0.38 23.14
C TYR A 392 -11.51 -0.94 22.49
N ALA A 393 -10.22 -1.22 22.53
CA ALA A 393 -9.70 -2.45 22.00
C ALA A 393 -10.24 -3.68 22.75
N SER A 394 -10.56 -3.58 24.05
CA SER A 394 -11.05 -4.72 24.80
C SER A 394 -12.51 -5.03 24.39
N THR A 395 -13.24 -4.00 24.01
CA THR A 395 -14.65 -4.13 23.73
C THR A 395 -15.01 -4.14 22.22
N HIS A 396 -14.25 -3.47 21.41
CA HIS A 396 -14.70 -3.26 20.03
C HIS A 396 -13.67 -3.80 19.06
N TRP A 397 -12.95 -4.82 19.49
CA TRP A 397 -12.00 -5.54 18.63
C TRP A 397 -12.63 -6.10 17.36
N HIS A 398 -13.92 -6.41 17.43
CA HIS A 398 -14.67 -6.94 16.32
C HIS A 398 -14.67 -6.00 15.14
N THR A 399 -14.34 -4.74 15.36
CA THR A 399 -14.46 -3.79 14.30
C THR A 399 -13.08 -3.52 13.70
N LEU A 400 -12.06 -4.22 14.17
CA LEU A 400 -10.68 -3.86 13.82
C LEU A 400 -10.07 -4.78 12.78
N GLY A 401 -10.91 -5.39 11.93
CA GLY A 401 -10.44 -6.25 10.87
C GLY A 401 -10.63 -7.67 11.32
N LYS A 402 -10.93 -8.56 10.41
CA LYS A 402 -11.22 -9.93 10.78
C LYS A 402 -10.13 -10.59 11.59
N ASN A 403 -8.90 -10.51 11.11
CA ASN A 403 -7.82 -11.21 11.75
C ASN A 403 -7.14 -10.30 12.75
N VAL A 404 -7.07 -9.02 12.46
CA VAL A 404 -6.47 -8.09 13.41
C VAL A 404 -7.30 -8.07 14.70
N GLY A 405 -8.61 -8.04 14.56
CA GLY A 405 -9.52 -8.01 15.70
C GLY A 405 -9.41 -9.27 16.55
N GLU A 406 -9.43 -10.42 15.91
CA GLU A 406 -9.36 -11.69 16.62
C GLU A 406 -8.01 -11.79 17.35
N SER A 407 -6.91 -11.33 16.76
CA SER A 407 -5.67 -11.36 17.52
C SER A 407 -5.70 -10.46 18.78
N ILE A 408 -6.24 -9.25 18.63
CA ILE A 408 -6.33 -8.30 19.74
C ILE A 408 -7.24 -8.81 20.87
N ARG A 409 -8.31 -9.48 20.48
CA ARG A 409 -9.16 -10.17 21.41
C ARG A 409 -8.33 -11.13 22.28
N GLU A 410 -7.39 -11.86 21.68
CA GLU A 410 -6.56 -12.85 22.38
C GLU A 410 -5.50 -12.21 23.28
N TYR A 411 -4.84 -11.17 22.77
CA TYR A 411 -3.84 -10.44 23.53
C TYR A 411 -3.49 -9.09 22.88
N PHE A 412 -3.51 -8.03 23.68
CA PHE A 412 -2.91 -6.76 23.25
C PHE A 412 -2.37 -6.01 24.46
N GLU A 413 -1.51 -5.05 24.20
CA GLU A 413 -0.82 -4.24 25.25
C GLU A 413 -0.84 -2.82 24.73
N ILE A 414 -1.03 -1.87 25.63
CA ILE A 414 -0.74 -0.46 25.39
C ILE A 414 0.65 -0.13 25.88
N ILE A 415 1.48 0.42 24.99
CA ILE A 415 2.86 0.80 25.32
C ILE A 415 3.07 2.31 25.18
N SER A 416 3.65 2.88 26.23
CA SER A 416 4.00 4.29 26.42
C SER A 416 5.45 4.40 26.94
N GLY A 417 6.08 5.54 26.72
CA GLY A 417 7.32 5.92 27.39
C GLY A 417 8.52 5.04 27.10
N GLU A 418 9.38 4.86 28.08
CA GLU A 418 10.63 4.13 27.88
C GLU A 418 10.39 2.72 27.31
N LYS A 419 9.21 2.12 27.59
CA LYS A 419 8.93 0.77 27.09
C LYS A 419 8.68 0.84 25.61
N LEU A 420 7.96 1.88 25.18
CA LEU A 420 7.70 2.08 23.76
C LEU A 420 8.98 2.11 22.96
N PHE A 421 10.09 2.51 23.58
CA PHE A 421 11.38 2.61 22.90
C PHE A 421 12.15 1.26 22.89
N LYS A 422 11.71 0.28 23.68
CA LYS A 422 12.14 -1.12 23.55
C LYS A 422 11.57 -1.89 22.33
N GLU A 423 10.59 -1.31 21.63
CA GLU A 423 9.96 -1.98 20.50
C GLU A 423 10.49 -1.38 19.19
N PRO A 424 10.39 -2.11 18.09
CA PRO A 424 10.91 -1.65 16.79
C PRO A 424 10.01 -0.67 16.06
N VAL A 425 9.77 0.47 16.68
CA VAL A 425 8.78 1.41 16.20
C VAL A 425 9.35 2.80 16.10
N THR A 426 10.60 2.94 16.51
CA THR A 426 11.16 4.27 16.64
C THR A 426 11.13 4.95 15.28
N ALA A 427 11.46 4.21 14.25
CA ALA A 427 11.55 4.84 12.93
C ALA A 427 10.19 5.36 12.54
N GLU A 428 9.17 4.58 12.83
CA GLU A 428 7.81 4.96 12.46
C GLU A 428 7.35 6.19 13.26
N LEU A 429 7.70 6.22 14.56
CA LEU A 429 7.35 7.35 15.42
C LEU A 429 7.98 8.61 14.89
N CYS A 430 9.27 8.56 14.60
CA CYS A 430 9.96 9.72 14.05
C CYS A 430 9.28 10.28 12.82
N GLU A 431 8.95 9.41 11.89
CA GLU A 431 8.31 9.83 10.65
C GLU A 431 6.92 10.42 10.92
N MET A 432 6.20 9.82 11.86
CA MET A 432 4.86 10.26 12.21
C MET A 432 4.89 11.64 12.86
N MET A 433 5.97 11.96 13.58
CA MET A 433 6.10 13.26 14.21
C MET A 433 6.86 14.29 13.35
N GLY A 434 7.35 13.87 12.19
CA GLY A 434 8.11 14.77 11.32
C GLY A 434 9.46 15.16 11.90
N VAL A 435 10.08 14.24 12.62
CA VAL A 435 11.41 14.50 13.17
C VAL A 435 12.41 14.73 12.04
N LYS A 436 13.21 15.80 12.17
CA LYS A 436 14.21 16.16 11.16
C LYS A 436 15.54 15.51 11.47
N ASP A 437 16.37 15.37 10.44
CA ASP A 437 17.69 14.78 10.57
C ASP A 437 18.64 15.66 11.41
MN MN B . -5.69 -4.25 -18.34
MN MN C . 5.28 -12.22 -11.48
NA NA D . -14.49 -1.43 27.16
#